data_7YTU
#
_entry.id   7YTU
#
_cell.length_a   54.039
_cell.length_b   54.039
_cell.length_c   42.742
_cell.angle_alpha   90.00
_cell.angle_beta   90.00
_cell.angle_gamma   120.00
#
_symmetry.space_group_name_H-M   'P 31'
#
loop_
_entity.id
_entity.type
_entity.pdbx_description
1 polymer 'Protein G3'
2 polymer 'Protein L5'
3 water water
#
loop_
_entity_poly.entity_id
_entity_poly.type
_entity_poly.pdbx_seq_one_letter_code
_entity_poly.pdbx_strand_id
1 'polypeptide(L)'
;GPYYPTNKLQAAV(MSE)ETDRENAIIRQRNDEIPTRTLDTAIFTDASTVASAQIHLYYNSNIGKII(MSE)SLNGKKHT
FNLYDDNDIRTLLPILLLSK
;
A
2 'polypeptide(L)'
;GPN(MSE)FF(MSE)PKRKIPDPIDRLRRANLACEDDKL(MSE)IYGLPW(MSE)TTQTSALSINSKPIVYKDCAKLLRS
INGSQPVSLNDVLRR
;
B
#
# COMPACT_ATOMS: atom_id res chain seq x y z
N GLU A 29 -1.10 21.09 13.78
CA GLU A 29 -1.00 20.29 12.57
C GLU A 29 -1.12 18.80 12.89
N ILE A 30 -1.56 18.02 11.92
CA ILE A 30 -1.65 16.57 12.10
C ILE A 30 -0.26 15.99 11.98
N PRO A 31 0.19 15.16 12.94
CA PRO A 31 1.52 14.54 12.83
C PRO A 31 1.61 13.66 11.59
N THR A 32 2.81 13.63 11.01
CA THR A 32 3.07 12.86 9.80
C THR A 32 3.93 11.65 10.10
N ARG A 33 3.90 10.71 9.15
CA ARG A 33 4.90 9.65 9.05
C ARG A 33 5.71 9.89 7.78
N THR A 34 6.94 9.42 7.81
CA THR A 34 7.83 9.47 6.66
C THR A 34 8.27 8.04 6.34
N LEU A 35 8.10 7.63 5.08
CA LEU A 35 8.42 6.28 4.66
C LEU A 35 9.32 6.31 3.45
N ASP A 36 10.27 5.39 3.41
CA ASP A 36 11.05 5.08 2.23
C ASP A 36 10.42 3.86 1.56
N THR A 37 10.03 3.99 0.30
CA THR A 37 9.26 2.91 -0.28
C THR A 37 9.49 2.89 -1.79
N ALA A 38 8.74 2.02 -2.46
CA ALA A 38 8.72 1.88 -3.91
C ALA A 38 7.30 2.16 -4.37
N ILE A 39 7.17 2.92 -5.45
CA ILE A 39 5.85 3.32 -5.92
C ILE A 39 5.71 2.96 -7.39
N PHE A 40 4.61 2.27 -7.71
CA PHE A 40 4.28 1.98 -9.10
C PHE A 40 3.63 3.21 -9.69
N THR A 41 4.41 3.98 -10.44
CA THR A 41 3.91 5.18 -11.09
C THR A 41 3.13 4.89 -12.36
N ASP A 42 3.17 3.64 -12.84
CA ASP A 42 2.34 3.13 -13.91
C ASP A 42 2.21 1.63 -13.65
N ALA A 43 1.45 0.94 -14.50
CA ALA A 43 1.14 -0.47 -14.25
C ALA A 43 2.40 -1.32 -14.11
N SER A 44 3.48 -0.98 -14.84
CA SER A 44 4.68 -1.80 -14.86
C SER A 44 5.94 -0.97 -14.69
N THR A 45 5.83 0.15 -13.98
CA THR A 45 6.94 1.07 -13.75
C THR A 45 7.07 1.33 -12.27
N VAL A 46 8.23 1.04 -11.69
CA VAL A 46 8.43 1.28 -10.26
C VAL A 46 9.59 2.25 -10.06
N ALA A 47 9.45 3.07 -9.03
CA ALA A 47 10.43 4.07 -8.65
C ALA A 47 10.56 4.12 -7.14
N SER A 48 11.79 4.29 -6.66
CA SER A 48 12.00 4.52 -5.24
C SER A 48 11.57 5.94 -4.87
N ALA A 49 11.03 6.11 -3.66
CA ALA A 49 10.61 7.43 -3.25
C ALA A 49 10.55 7.49 -1.73
N GLN A 50 10.81 8.68 -1.19
CA GLN A 50 10.47 8.99 0.19
C GLN A 50 9.18 9.79 0.19
N ILE A 51 8.24 9.41 1.05
CA ILE A 51 6.95 10.08 1.12
C ILE A 51 6.68 10.54 2.54
N HIS A 52 5.90 11.61 2.67
CA HIS A 52 5.38 12.05 3.96
C HIS A 52 3.87 11.91 3.92
N LEU A 53 3.30 11.29 4.94
CA LEU A 53 1.87 11.00 4.93
C LEU A 53 1.27 11.30 6.28
N TYR A 54 -0.04 11.58 6.27
CA TYR A 54 -0.77 11.75 7.52
C TYR A 54 -2.21 11.28 7.37
N TYR A 55 -2.79 10.97 8.50
CA TYR A 55 -4.16 10.43 8.57
C TYR A 55 -5.06 11.50 9.17
N ASN A 56 -6.09 11.90 8.43
CA ASN A 56 -7.10 12.83 8.89
C ASN A 56 -8.29 12.01 9.38
N SER A 57 -8.43 11.88 10.70
CA SER A 57 -9.47 11.02 11.25
C SER A 57 -10.86 11.65 11.17
N ASN A 58 -10.93 12.96 10.94
CA ASN A 58 -12.23 13.62 10.82
C ASN A 58 -12.91 13.23 9.51
N ILE A 59 -12.13 13.04 8.46
CA ILE A 59 -12.68 12.69 7.15
C ILE A 59 -12.35 11.28 6.71
N GLY A 60 -11.50 10.56 7.43
CA GLY A 60 -11.21 9.18 7.05
C GLY A 60 -10.36 9.06 5.80
N LYS A 61 -9.34 9.89 5.69
CA LYS A 61 -8.49 9.91 4.51
C LYS A 61 -7.03 9.96 4.94
N ILE A 62 -6.18 9.35 4.13
CA ILE A 62 -4.74 9.50 4.25
C ILE A 62 -4.27 10.39 3.12
N ILE A 63 -3.44 11.38 3.45
CA ILE A 63 -2.92 12.34 2.48
C ILE A 63 -1.41 12.11 2.39
N MSE A 64 -0.93 12.00 1.16
CA MSE A 64 0.46 11.64 0.89
C MSE A 64 1.11 12.67 0.01
O MSE A 64 0.52 13.14 -0.97
CB MSE A 64 0.53 10.26 0.20
CG MSE A 64 1.91 9.83 -0.23
SE MSE A 64 1.76 8.18 -1.24
CE MSE A 64 1.21 8.95 -2.95
N SER A 65 2.33 13.03 0.37
CA SER A 65 3.16 13.94 -0.41
C SER A 65 4.21 13.11 -1.12
N LEU A 66 4.21 13.17 -2.45
CA LEU A 66 5.14 12.41 -3.29
C LEU A 66 5.70 13.35 -4.34
N ASN A 67 6.98 13.70 -4.20
CA ASN A 67 7.67 14.57 -5.13
C ASN A 67 6.85 15.82 -5.46
N GLY A 68 6.38 16.49 -4.40
CA GLY A 68 5.68 17.73 -4.57
C GLY A 68 4.29 17.62 -5.16
N LYS A 69 3.67 16.44 -5.10
CA LYS A 69 2.29 16.27 -5.52
C LYS A 69 1.50 15.64 -4.39
N LYS A 70 0.27 16.11 -4.20
CA LYS A 70 -0.59 15.63 -3.14
C LYS A 70 -1.50 14.53 -3.67
N HIS A 71 -1.53 13.40 -2.97
CA HIS A 71 -2.44 12.30 -3.26
C HIS A 71 -3.31 12.02 -2.04
N THR A 72 -4.60 11.82 -2.28
CA THR A 72 -5.56 11.61 -1.20
C THR A 72 -6.18 10.23 -1.36
N PHE A 73 -6.24 9.49 -0.26
CA PHE A 73 -6.79 8.13 -0.26
C PHE A 73 -7.94 8.06 0.73
N ASN A 74 -9.12 7.75 0.22
CA ASN A 74 -10.30 7.59 1.06
C ASN A 74 -10.33 6.17 1.61
N LEU A 75 -10.21 6.03 2.93
CA LEU A 75 -10.09 4.69 3.52
C LEU A 75 -11.39 3.92 3.51
N TYR A 76 -12.48 4.52 3.04
CA TYR A 76 -13.73 3.79 2.85
C TYR A 76 -13.94 3.36 1.41
N ASP A 77 -12.95 3.60 0.55
CA ASP A 77 -13.02 3.36 -0.88
C ASP A 77 -12.02 2.24 -1.20
N ASP A 78 -12.54 1.08 -1.61
CA ASP A 78 -11.68 -0.07 -1.83
C ASP A 78 -10.70 0.14 -2.98
N ASN A 79 -11.06 0.97 -3.96
CA ASN A 79 -10.10 1.29 -5.02
C ASN A 79 -8.94 2.12 -4.48
N ASP A 80 -9.25 3.10 -3.63
CA ASP A 80 -8.18 3.87 -2.99
C ASP A 80 -7.31 2.99 -2.11
N ILE A 81 -7.93 2.08 -1.36
CA ILE A 81 -7.20 1.17 -0.47
C ILE A 81 -6.24 0.30 -1.27
N ARG A 82 -6.69 -0.19 -2.44
CA ARG A 82 -5.84 -1.05 -3.25
C ARG A 82 -4.67 -0.28 -3.88
N THR A 83 -4.72 1.05 -3.87
CA THR A 83 -3.66 1.92 -4.35
C THR A 83 -2.71 2.30 -3.22
N LEU A 84 -3.27 2.52 -2.02
CA LEU A 84 -2.47 2.89 -0.85
C LEU A 84 -1.68 1.71 -0.32
N LEU A 85 -2.31 0.52 -0.27
CA LEU A 85 -1.65 -0.59 0.43
C LEU A 85 -0.32 -1.01 -0.20
N PRO A 86 -0.17 -1.14 -1.52
CA PRO A 86 1.17 -1.50 -2.02
C PRO A 86 2.23 -0.48 -1.63
N ILE A 87 1.87 0.80 -1.53
CA ILE A 87 2.83 1.83 -1.13
C ILE A 87 3.31 1.60 0.29
N LEU A 88 2.38 1.30 1.19
CA LEU A 88 2.75 1.04 2.57
C LEU A 88 3.47 -0.30 2.72
N LEU A 89 3.01 -1.31 1.99
CA LEU A 89 3.54 -2.65 2.22
C LEU A 89 4.90 -2.88 1.61
N LEU A 90 5.32 -2.07 0.63
CA LEU A 90 6.67 -2.14 0.10
C LEU A 90 7.64 -1.23 0.84
N SER A 91 7.21 -0.61 1.95
CA SER A 91 8.03 0.40 2.61
C SER A 91 9.08 -0.26 3.52
N LYS A 92 10.14 0.50 3.79
CA LYS A 92 11.19 0.03 4.67
C LYS A 92 10.84 0.38 6.11
N PRO B 13 -13.39 5.37 15.74
CA PRO B 13 -13.00 4.17 15.01
C PRO B 13 -12.02 4.51 13.89
N ASP B 14 -11.07 3.62 13.67
CA ASP B 14 -10.08 3.78 12.62
C ASP B 14 -10.43 2.81 11.50
N PRO B 15 -10.84 3.30 10.33
CA PRO B 15 -11.08 2.38 9.20
C PRO B 15 -9.85 1.61 8.75
N ILE B 16 -8.65 1.97 9.22
CA ILE B 16 -7.47 1.21 8.82
C ILE B 16 -7.32 -0.07 9.62
N ASP B 17 -8.00 -0.18 10.76
CA ASP B 17 -7.74 -1.31 11.64
C ASP B 17 -8.20 -2.64 11.03
N ARG B 18 -9.28 -2.63 10.24
CA ARG B 18 -9.68 -3.90 9.62
C ARG B 18 -8.84 -4.24 8.39
N LEU B 19 -7.89 -3.40 8.02
CA LEU B 19 -6.94 -3.67 6.95
C LEU B 19 -5.65 -4.30 7.45
N ARG B 20 -5.54 -4.57 8.76
CA ARG B 20 -4.23 -4.92 9.31
C ARG B 20 -3.71 -6.27 8.86
N ARG B 21 -4.56 -7.15 8.34
CA ARG B 21 -4.08 -8.43 7.82
C ARG B 21 -3.56 -8.33 6.41
N ALA B 22 -3.72 -7.18 5.75
CA ALA B 22 -3.40 -7.09 4.34
C ALA B 22 -1.92 -7.41 4.11
N ASN B 23 -1.64 -8.19 3.08
CA ASN B 23 -0.27 -8.51 2.69
C ASN B 23 -0.20 -8.70 1.19
N LEU B 24 0.97 -8.46 0.62
CA LEU B 24 1.17 -8.58 -0.82
C LEU B 24 1.63 -9.98 -1.20
N ALA B 25 1.23 -10.40 -2.40
CA ALA B 25 1.72 -11.63 -2.97
C ALA B 25 1.84 -11.44 -4.47
N CYS B 26 2.71 -12.23 -5.09
CA CYS B 26 2.88 -12.23 -6.54
C CYS B 26 2.29 -13.52 -7.10
N GLU B 27 1.34 -13.38 -8.01
CA GLU B 27 0.75 -14.50 -8.73
C GLU B 27 1.28 -14.38 -10.15
N ASP B 28 2.34 -15.15 -10.43
CA ASP B 28 3.22 -14.93 -11.57
C ASP B 28 3.67 -13.48 -11.53
N ASP B 29 3.21 -12.64 -12.45
CA ASP B 29 3.63 -11.26 -12.52
C ASP B 29 2.58 -10.28 -12.00
N LYS B 30 1.49 -10.78 -11.43
CA LYS B 30 0.44 -9.89 -10.94
C LYS B 30 0.64 -9.67 -9.44
N LEU B 31 0.74 -8.41 -9.05
CA LEU B 31 0.84 -8.07 -7.63
C LEU B 31 -0.56 -8.05 -7.03
N MSE B 32 -0.77 -8.89 -6.02
CA MSE B 32 -2.08 -9.08 -5.41
C MSE B 32 -2.07 -8.69 -3.94
O MSE B 32 -1.02 -8.65 -3.30
CB MSE B 32 -2.52 -10.54 -5.54
CG MSE B 32 -2.46 -11.13 -6.94
SE MSE B 32 -3.61 -10.22 -8.26
CE MSE B 32 -5.35 -10.71 -7.56
N ILE B 33 -3.25 -8.39 -3.41
CA ILE B 33 -3.42 -8.09 -1.99
C ILE B 33 -4.29 -9.20 -1.38
N TYR B 34 -3.72 -9.93 -0.43
CA TYR B 34 -4.41 -10.93 0.37
C TYR B 34 -4.82 -10.34 1.70
N GLY B 35 -5.80 -10.96 2.35
CA GLY B 35 -6.10 -10.65 3.73
C GLY B 35 -7.07 -9.52 3.96
N LEU B 36 -7.66 -8.95 2.91
CA LEU B 36 -8.58 -7.84 3.08
C LEU B 36 -9.87 -8.36 3.74
N PRO B 37 -10.56 -7.49 4.51
CA PRO B 37 -11.62 -7.99 5.40
C PRO B 37 -12.83 -8.57 4.69
N TRP B 38 -13.49 -7.80 3.84
CA TRP B 38 -14.77 -8.28 3.33
C TRP B 38 -14.58 -9.20 2.13
N MSE B 39 -13.38 -9.22 1.55
CA MSE B 39 -13.09 -9.94 0.31
C MSE B 39 -13.03 -11.49 0.33
O MSE B 39 -12.25 -12.11 1.06
CB MSE B 39 -11.79 -9.48 -0.25
CG MSE B 39 -11.77 -8.05 -0.61
SE MSE B 39 -10.62 -7.89 -2.11
CE MSE B 39 -11.94 -8.06 -3.54
N THR B 40 -13.81 -12.10 -0.58
CA THR B 40 -13.75 -13.54 -0.81
C THR B 40 -12.49 -13.91 -1.59
N THR B 41 -12.18 -13.18 -2.66
CA THR B 41 -10.97 -13.47 -3.42
C THR B 41 -9.96 -12.33 -3.31
N GLN B 42 -8.69 -12.68 -3.47
CA GLN B 42 -7.63 -11.69 -3.56
C GLN B 42 -7.89 -10.76 -4.73
N THR B 43 -7.52 -9.50 -4.56
CA THR B 43 -7.74 -8.50 -5.58
C THR B 43 -6.39 -7.89 -5.94
N SER B 44 -6.35 -7.22 -7.08
CA SER B 44 -5.10 -6.67 -7.57
C SER B 44 -4.70 -5.42 -6.81
N ALA B 45 -3.40 -5.28 -6.57
CA ALA B 45 -2.85 -4.00 -6.17
C ALA B 45 -2.87 -3.04 -7.36
N LEU B 46 -3.13 -1.76 -7.10
CA LEU B 46 -3.23 -0.75 -8.14
C LEU B 46 -2.08 0.23 -8.08
N SER B 47 -1.62 0.65 -9.25
CA SER B 47 -0.62 1.69 -9.37
C SER B 47 -1.22 3.04 -9.00
N ILE B 48 -0.36 4.06 -8.93
CA ILE B 48 -0.82 5.38 -8.51
C ILE B 48 -1.79 5.98 -9.52
N ASN B 49 -1.73 5.55 -10.78
CA ASN B 49 -2.67 5.97 -11.80
C ASN B 49 -3.75 4.92 -12.04
N SER B 50 -4.01 4.07 -11.04
CA SER B 50 -5.22 3.24 -10.93
C SER B 50 -5.22 2.07 -11.92
N LYS B 51 -4.05 1.48 -12.17
CA LYS B 51 -4.01 0.33 -13.06
C LYS B 51 -3.54 -0.89 -12.27
N PRO B 52 -4.03 -2.09 -12.59
CA PRO B 52 -3.51 -3.29 -11.92
C PRO B 52 -2.02 -3.44 -12.18
N ILE B 53 -1.28 -3.74 -11.12
CA ILE B 53 0.18 -3.81 -11.19
C ILE B 53 0.61 -5.15 -11.77
N VAL B 54 1.39 -5.09 -12.84
CA VAL B 54 1.90 -6.25 -13.57
C VAL B 54 3.39 -6.04 -13.70
N TYR B 55 4.17 -6.94 -13.10
CA TYR B 55 5.61 -6.68 -12.98
C TYR B 55 6.37 -8.00 -13.02
N LYS B 56 7.19 -8.18 -14.06
CA LYS B 56 7.94 -9.42 -14.21
C LYS B 56 8.77 -9.71 -12.96
N ASP B 57 9.35 -8.68 -12.35
CA ASP B 57 10.21 -8.82 -11.19
C ASP B 57 9.48 -8.66 -9.87
N CYS B 58 8.17 -8.91 -9.87
CA CYS B 58 7.32 -8.72 -8.70
C CYS B 58 7.94 -9.31 -7.43
N ALA B 59 8.44 -10.55 -7.50
CA ALA B 59 8.86 -11.24 -6.29
C ALA B 59 10.06 -10.57 -5.62
N LYS B 60 10.89 -9.85 -6.38
CA LYS B 60 12.07 -9.21 -5.79
C LYS B 60 11.73 -8.00 -4.94
N LEU B 61 10.52 -7.44 -5.09
CA LEU B 61 10.08 -6.28 -4.33
C LEU B 61 9.49 -6.64 -2.97
N LEU B 62 8.94 -7.84 -2.82
CA LEU B 62 8.18 -8.19 -1.62
C LEU B 62 9.08 -8.16 -0.39
N ARG B 63 8.54 -7.63 0.72
CA ARG B 63 9.28 -7.53 1.96
C ARG B 63 8.86 -8.63 2.92
N SER B 64 9.77 -8.99 3.82
CA SER B 64 9.57 -10.10 4.73
C SER B 64 9.94 -9.69 6.16
N ILE B 65 9.36 -10.40 7.14
CA ILE B 65 9.65 -10.16 8.54
C ILE B 65 10.80 -11.07 8.94
N ASN B 66 11.92 -10.99 8.21
CA ASN B 66 13.15 -11.72 8.47
C ASN B 66 12.99 -13.23 8.27
N GLY B 67 11.82 -13.70 7.85
CA GLY B 67 11.66 -15.03 7.31
C GLY B 67 10.81 -14.92 6.04
N SER B 68 10.58 -16.06 5.39
CA SER B 68 9.69 -16.04 4.23
C SER B 68 8.34 -15.41 4.55
N GLN B 69 8.04 -15.22 5.83
CA GLN B 69 6.81 -14.62 6.29
C GLN B 69 6.53 -13.30 5.57
N PRO B 70 5.37 -13.12 4.94
CA PRO B 70 5.07 -11.86 4.28
C PRO B 70 4.75 -10.76 5.29
N VAL B 71 5.19 -9.55 4.96
CA VAL B 71 4.88 -8.38 5.78
C VAL B 71 3.41 -8.04 5.66
N SER B 72 2.75 -7.86 6.79
CA SER B 72 1.36 -7.42 6.85
C SER B 72 1.30 -5.94 7.20
N LEU B 73 0.14 -5.34 6.93
CA LEU B 73 -0.02 -3.94 7.31
C LEU B 73 0.18 -3.75 8.81
N ASN B 74 -0.28 -4.73 9.61
CA ASN B 74 -0.04 -4.69 11.05
C ASN B 74 1.45 -4.53 11.35
N ASP B 75 2.30 -5.29 10.65
CA ASP B 75 3.73 -5.17 10.86
C ASP B 75 4.24 -3.78 10.54
N VAL B 76 3.76 -3.19 9.44
CA VAL B 76 4.19 -1.86 9.04
C VAL B 76 3.81 -0.83 10.08
N LEU B 77 2.55 -0.87 10.53
CA LEU B 77 2.05 0.09 11.51
C LEU B 77 2.69 -0.03 12.88
N ARG B 78 3.20 -1.20 13.24
CA ARG B 78 3.80 -1.42 14.55
C ARG B 78 5.31 -1.25 14.57
N ARG B 79 5.93 -1.04 13.41
CA ARG B 79 7.36 -0.76 13.35
C ARG B 79 7.70 0.47 14.17
#